data_4IKR
#
_entry.id   4IKR
#
_cell.length_a   47.345
_cell.length_b   77.423
_cell.length_c   48.023
_cell.angle_alpha   90.00
_cell.angle_beta   91.03
_cell.angle_gamma   90.00
#
_symmetry.space_group_name_H-M   'P 1 21 1'
#
loop_
_entity.id
_entity.type
_entity.pdbx_description
1 polymer 'Methionine aminopeptidase 1'
2 non-polymer 'COBALT (II) ION'
3 non-polymer 2-{4-[5-chloro-6-methyl-2-(pyridin-2-yl)pyrimidin-4-yl]piperazin-1-yl}ethanol
4 non-polymer 'POTASSIUM ION'
5 non-polymer GLYCEROL
6 water water
#
_entity_poly.entity_id   1
_entity_poly.type   'polypeptide(L)'
_entity_poly.pdbx_seq_one_letter_code
;MGSSHHHHHHSSGLVPRGSHMLEDPYRYTGKLRPHYPLMPTRPVPSYIQRPDYADHPLGMSESEQALKGTSQIKLLSSED
IEGMRLVCRLAREVLDVAAGMIKPGVTTEEIDHAVHLACIARNCYPSPLNYYNFPKSCCTSVNEVICHGIPDRRPLQEGD
IVNVDITLYRNGYHGDLNETFFVGEVDDGARKLVQTTYECLMQAIDAVKPGVRYRELGNIIQKHAQANGFSVVRSYCGHG
IHKLFHTAPNVPHYAKNKAVGVMKSGHVFTIEPMICEGGWQDETWPDGWTAVTRDGKRSAQFEHTLLVTDTGCEILTRRL
DSARPHFMS
;
_entity_poly.pdbx_strand_id   A
#
loop_
_chem_comp.id
_chem_comp.type
_chem_comp.name
_chem_comp.formula
CO non-polymer 'COBALT (II) ION' 'Co 2'
GOL non-polymer GLYCEROL 'C3 H8 O3'
K non-polymer 'POTASSIUM ION' 'K 1'
PVP non-polymer 2-{4-[5-chloro-6-methyl-2-(pyridin-2-yl)pyrimidin-4-yl]piperazin-1-yl}ethanol 'C16 H20 Cl N5 O'
#
# COMPACT_ATOMS: atom_id res chain seq x y z
N TYR A 26 9.33 6.92 24.71
CA TYR A 26 8.24 7.13 23.70
C TYR A 26 6.81 7.07 24.30
N ARG A 27 6.04 8.12 24.06
CA ARG A 27 4.64 8.14 24.46
C ARG A 27 3.79 7.70 23.27
N TYR A 28 3.16 6.53 23.39
CA TYR A 28 2.24 6.04 22.34
C TYR A 28 1.03 6.96 22.18
N THR A 29 0.52 7.05 20.95
CA THR A 29 -0.56 7.98 20.62
C THR A 29 -1.98 7.41 20.85
N GLY A 30 -2.08 6.09 20.95
CA GLY A 30 -3.36 5.40 21.20
C GLY A 30 -3.19 4.14 22.01
N LYS A 31 -4.09 3.17 21.79
CA LYS A 31 -4.13 1.94 22.57
C LYS A 31 -3.18 0.88 22.05
N LEU A 32 -2.83 0.98 20.76
CA LEU A 32 -1.95 -0.02 20.14
C LEU A 32 -0.53 0.01 20.70
N ARG A 33 0.05 -1.19 20.88
CA ARG A 33 1.47 -1.34 21.23
C ARG A 33 2.08 -2.41 20.33
N PRO A 34 3.39 -2.31 20.08
CA PRO A 34 4.00 -3.44 19.38
C PRO A 34 4.07 -4.68 20.30
N HIS A 35 3.96 -5.85 19.71
CA HIS A 35 4.03 -7.13 20.42
C HIS A 35 5.26 -7.90 19.95
N TYR A 36 6.31 -7.80 20.74
CA TYR A 36 7.58 -8.48 20.50
C TYR A 36 7.69 -9.78 21.33
N PRO A 37 8.66 -10.65 21.01
CA PRO A 37 9.66 -10.50 19.93
C PRO A 37 9.06 -10.82 18.54
N LEU A 38 9.74 -10.36 17.48
CA LEU A 38 9.38 -10.75 16.12
C LEU A 38 10.14 -12.02 15.80
N MET A 39 9.48 -12.92 15.07
N MET A 39 9.46 -12.99 15.17
CA MET A 39 10.12 -14.11 14.51
CA MET A 39 10.16 -14.23 14.74
C MET A 39 11.36 -13.74 13.70
C MET A 39 11.28 -13.83 13.76
N PRO A 40 12.36 -14.64 13.66
CA PRO A 40 13.57 -14.32 12.84
C PRO A 40 13.21 -14.03 11.37
N THR A 41 13.97 -13.16 10.68
CA THR A 41 13.61 -12.81 9.29
C THR A 41 13.38 -14.09 8.48
N ARG A 42 12.37 -14.07 7.61
CA ARG A 42 11.96 -15.26 6.84
C ARG A 42 12.75 -15.36 5.54
N PRO A 43 13.35 -16.53 5.26
CA PRO A 43 14.19 -16.51 4.06
C PRO A 43 13.36 -16.76 2.79
N VAL A 44 13.91 -16.33 1.66
CA VAL A 44 13.30 -16.53 0.34
C VAL A 44 14.23 -17.46 -0.47
N PRO A 45 13.69 -18.59 -0.93
CA PRO A 45 14.58 -19.52 -1.67
C PRO A 45 15.39 -18.83 -2.77
N SER A 46 16.63 -19.25 -2.94
CA SER A 46 17.51 -18.59 -3.91
C SER A 46 17.00 -18.65 -5.32
N TYR A 47 16.06 -19.55 -5.61
CA TYR A 47 15.58 -19.64 -6.99
C TYR A 47 14.67 -18.50 -7.41
N ILE A 48 14.15 -17.76 -6.43
CA ILE A 48 13.31 -16.61 -6.71
C ILE A 48 14.19 -15.38 -6.95
N GLN A 49 13.90 -14.67 -8.04
CA GLN A 49 14.71 -13.52 -8.44
C GLN A 49 14.50 -12.39 -7.43
N ARG A 50 15.61 -11.79 -7.01
CA ARG A 50 15.60 -10.80 -5.94
C ARG A 50 15.88 -9.41 -6.50
N PRO A 51 15.27 -8.38 -5.89
CA PRO A 51 15.57 -6.99 -6.24
C PRO A 51 16.95 -6.60 -5.72
N ASP A 52 17.52 -5.52 -6.23
CA ASP A 52 18.90 -5.10 -5.81
C ASP A 52 19.08 -4.94 -4.29
N TYR A 53 18.09 -4.32 -3.64
CA TYR A 53 18.14 -4.11 -2.19
C TYR A 53 18.03 -5.35 -1.29
N ALA A 54 17.58 -6.48 -1.84
CA ALA A 54 17.37 -7.72 -1.05
C ALA A 54 18.61 -8.11 -0.23
N ASP A 55 19.77 -7.91 -0.83
CA ASP A 55 21.05 -8.34 -0.27
C ASP A 55 21.95 -7.20 0.16
N HIS A 56 21.49 -5.96 -0.03
CA HIS A 56 22.21 -4.81 0.50
C HIS A 56 22.11 -4.82 2.04
N PRO A 57 23.25 -4.59 2.73
CA PRO A 57 23.24 -4.65 4.20
C PRO A 57 22.25 -3.70 4.90
N LEU A 58 21.96 -2.55 4.30
CA LEU A 58 21.00 -1.62 4.88
C LEU A 58 19.74 -1.60 4.04
N GLY A 59 19.66 -2.57 3.11
CA GLY A 59 18.48 -2.76 2.26
C GLY A 59 18.25 -1.57 1.35
N MET A 60 19.33 -0.86 1.00
CA MET A 60 19.22 0.30 0.13
C MET A 60 19.10 -0.15 -1.31
N SER A 61 18.31 0.57 -2.10
CA SER A 61 18.13 0.19 -3.49
C SER A 61 18.94 1.14 -4.36
N GLU A 62 20.00 0.64 -4.95
CA GLU A 62 20.91 1.53 -5.66
C GLU A 62 20.32 2.05 -6.96
N SER A 63 19.50 1.22 -7.61
CA SER A 63 18.75 1.66 -8.79
C SER A 63 17.75 2.77 -8.47
N GLU A 64 17.14 2.74 -7.29
CA GLU A 64 16.25 3.84 -6.87
C GLU A 64 17.08 5.07 -6.53
N GLN A 65 18.14 4.86 -5.75
CA GLN A 65 18.95 5.99 -5.32
C GLN A 65 19.55 6.79 -6.46
N ALA A 66 19.93 6.09 -7.53
CA ALA A 66 20.44 6.71 -8.77
C ALA A 66 19.42 7.64 -9.45
N LEU A 67 18.16 7.57 -9.05
CA LEU A 67 17.14 8.45 -9.63
C LEU A 67 16.51 9.40 -8.60
N LYS A 68 17.08 9.42 -7.40
CA LYS A 68 16.59 10.33 -6.36
C LYS A 68 16.59 11.77 -6.84
N GLY A 69 15.48 12.47 -6.59
CA GLY A 69 15.34 13.88 -6.98
C GLY A 69 15.07 14.14 -8.47
N THR A 70 14.87 13.06 -9.24
CA THR A 70 14.47 13.19 -10.67
C THR A 70 12.95 13.04 -10.79
N SER A 71 12.34 13.87 -11.63
CA SER A 71 10.88 13.89 -11.75
C SER A 71 10.38 13.33 -13.08
N GLN A 72 11.32 12.95 -13.95
CA GLN A 72 11.01 12.28 -15.21
C GLN A 72 10.35 10.91 -14.98
N ILE A 73 9.31 10.62 -15.77
CA ILE A 73 8.51 9.40 -15.59
C ILE A 73 8.71 8.44 -16.75
N LYS A 74 9.04 7.19 -16.44
CA LYS A 74 9.20 6.13 -17.46
C LYS A 74 7.94 5.97 -18.31
N LEU A 75 8.15 5.75 -19.60
CA LEU A 75 7.09 5.34 -20.52
C LEU A 75 7.32 3.87 -20.83
N LEU A 76 6.43 3.03 -20.34
CA LEU A 76 6.64 1.58 -20.40
C LEU A 76 6.47 0.98 -21.79
N SER A 77 7.33 0.02 -22.11
CA SER A 77 7.21 -0.74 -23.35
C SER A 77 6.13 -1.82 -23.20
N SER A 78 5.75 -2.44 -24.32
CA SER A 78 4.79 -3.55 -24.29
C SER A 78 5.28 -4.71 -23.44
N GLU A 79 6.58 -4.98 -23.50
CA GLU A 79 7.26 -5.91 -22.63
C GLU A 79 7.04 -5.52 -21.14
N ASP A 80 7.28 -4.26 -20.85
CA ASP A 80 7.11 -3.73 -19.49
C ASP A 80 5.66 -3.87 -19.02
N ILE A 81 4.73 -3.57 -19.92
CA ILE A 81 3.31 -3.62 -19.60
C ILE A 81 2.87 -5.05 -19.31
N GLU A 82 3.36 -5.99 -20.11
CA GLU A 82 3.08 -7.41 -19.84
C GLU A 82 3.62 -7.83 -18.47
N GLY A 83 4.84 -7.38 -18.17
CA GLY A 83 5.47 -7.68 -16.88
C GLY A 83 4.67 -7.10 -15.72
N MET A 84 4.20 -5.86 -15.88
CA MET A 84 3.37 -5.21 -14.84
C MET A 84 2.01 -5.90 -14.66
N ARG A 85 1.38 -6.25 -15.78
CA ARG A 85 0.11 -6.98 -15.72
C ARG A 85 0.24 -8.28 -14.96
N LEU A 86 1.30 -9.04 -15.23
CA LEU A 86 1.49 -10.31 -14.53
C LEU A 86 1.71 -10.12 -13.01
N VAL A 87 2.68 -9.28 -12.65
CA VAL A 87 3.02 -9.10 -11.24
C VAL A 87 1.87 -8.52 -10.43
N CYS A 88 1.13 -7.58 -11.05
CA CYS A 88 -0.01 -6.96 -10.37
C CYS A 88 -1.15 -7.96 -10.16
N ARG A 89 -1.33 -8.88 -11.13
CA ARG A 89 -2.31 -9.96 -10.98
C ARG A 89 -1.93 -10.90 -9.84
N LEU A 90 -0.64 -11.24 -9.77
CA LEU A 90 -0.15 -12.10 -8.69
C LEU A 90 -0.26 -11.44 -7.31
N ALA A 91 0.03 -10.14 -7.29
CA ALA A 91 -0.10 -9.35 -6.06
C ALA A 91 -1.54 -9.39 -5.56
N ARG A 92 -2.52 -9.17 -6.46
CA ARG A 92 -3.94 -9.29 -6.09
C ARG A 92 -4.26 -10.66 -5.49
N GLU A 93 -3.74 -11.73 -6.11
CA GLU A 93 -3.95 -13.07 -5.53
C GLU A 93 -3.44 -13.19 -4.10
N VAL A 94 -2.27 -12.61 -3.85
CA VAL A 94 -1.69 -12.64 -2.50
C VAL A 94 -2.51 -11.79 -1.51
N LEU A 95 -2.97 -10.62 -1.93
CA LEU A 95 -3.81 -9.82 -1.04
C LEU A 95 -5.09 -10.61 -0.68
N ASP A 96 -5.71 -11.24 -1.67
CA ASP A 96 -6.88 -12.11 -1.45
C ASP A 96 -6.60 -13.23 -0.46
N VAL A 97 -5.41 -13.86 -0.54
CA VAL A 97 -5.00 -14.81 0.51
C VAL A 97 -5.06 -14.17 1.90
N ALA A 98 -4.47 -12.98 2.05
CA ALA A 98 -4.49 -12.29 3.33
C ALA A 98 -5.92 -11.96 3.81
N ALA A 99 -6.76 -11.51 2.87
CA ALA A 99 -8.17 -11.19 3.16
C ALA A 99 -8.88 -12.36 3.84
N GLY A 100 -8.67 -13.56 3.31
CA GLY A 100 -9.26 -14.79 3.85
C GLY A 100 -8.87 -15.13 5.28
N MET A 101 -7.76 -14.57 5.75
CA MET A 101 -7.26 -14.87 7.08
C MET A 101 -7.67 -13.90 8.16
N ILE A 102 -8.30 -12.82 7.75
CA ILE A 102 -8.70 -11.77 8.69
C ILE A 102 -9.84 -12.33 9.52
N LYS A 103 -9.60 -12.44 10.82
CA LYS A 103 -10.63 -12.80 11.80
C LYS A 103 -10.07 -12.53 13.19
N PRO A 104 -10.95 -12.33 14.20
CA PRO A 104 -10.44 -12.15 15.55
C PRO A 104 -9.47 -13.25 15.95
N GLY A 105 -8.42 -12.88 16.68
CA GLY A 105 -7.49 -13.84 17.27
C GLY A 105 -6.31 -14.23 16.40
N VAL A 106 -6.43 -14.01 15.08
CA VAL A 106 -5.28 -14.19 14.15
C VAL A 106 -4.26 -13.06 14.36
N THR A 107 -2.98 -13.41 14.49
CA THR A 107 -1.94 -12.36 14.68
C THR A 107 -1.53 -11.80 13.31
N THR A 108 -1.00 -10.59 13.30
CA THR A 108 -0.52 -10.04 12.05
C THR A 108 0.72 -10.80 11.54
N GLU A 109 1.56 -11.32 12.44
CA GLU A 109 2.68 -12.19 12.00
C GLU A 109 2.21 -13.39 11.18
N GLU A 110 1.08 -13.96 11.61
CA GLU A 110 0.47 -15.08 10.92
C GLU A 110 -0.03 -14.71 9.54
N ILE A 111 -0.65 -13.55 9.42
CA ILE A 111 -1.00 -13.04 8.08
C ILE A 111 0.28 -12.91 7.22
N ASP A 112 1.30 -12.33 7.82
CA ASP A 112 2.55 -12.11 7.09
C ASP A 112 3.16 -13.44 6.64
N HIS A 113 3.12 -14.46 7.51
CA HIS A 113 3.62 -15.81 7.15
C HIS A 113 2.89 -16.40 5.93
N ALA A 114 1.57 -16.33 5.94
CA ALA A 114 0.76 -16.75 4.78
C ALA A 114 1.12 -15.98 3.52
N VAL A 115 1.26 -14.65 3.67
CA VAL A 115 1.63 -13.76 2.56
C VAL A 115 2.99 -14.21 1.99
N HIS A 116 3.97 -14.40 2.89
CA HIS A 116 5.34 -14.78 2.51
C HIS A 116 5.31 -16.04 1.65
N LEU A 117 4.62 -17.06 2.13
CA LEU A 117 4.49 -18.35 1.42
C LEU A 117 3.74 -18.24 0.10
N ALA A 118 2.73 -17.37 0.07
CA ALA A 118 1.93 -17.16 -1.17
C ALA A 118 2.76 -16.50 -2.26
N CYS A 119 3.63 -15.56 -1.87
N CYS A 119 3.63 -15.58 -1.84
CA CYS A 119 4.54 -14.93 -2.81
CA CYS A 119 4.55 -14.92 -2.71
C CYS A 119 5.49 -15.98 -3.41
C CYS A 119 5.49 -15.94 -3.37
N ILE A 120 6.06 -16.79 -2.51
CA ILE A 120 7.03 -17.82 -2.92
C ILE A 120 6.38 -18.83 -3.87
N ALA A 121 5.15 -19.23 -3.54
CA ALA A 121 4.37 -20.13 -4.39
C ALA A 121 4.15 -19.56 -5.80
N ARG A 122 4.25 -18.24 -5.94
CA ARG A 122 4.06 -17.57 -7.24
C ARG A 122 5.35 -17.15 -7.83
N ASN A 123 6.45 -17.70 -7.31
CA ASN A 123 7.79 -17.36 -7.80
C ASN A 123 8.04 -15.87 -7.81
N CYS A 124 7.55 -15.23 -6.74
CA CYS A 124 7.75 -13.82 -6.51
C CYS A 124 8.47 -13.59 -5.17
N TYR A 125 9.25 -12.51 -5.14
CA TYR A 125 9.89 -11.99 -3.95
C TYR A 125 8.90 -10.99 -3.29
N PRO A 126 8.71 -11.07 -1.95
CA PRO A 126 7.88 -10.05 -1.25
C PRO A 126 8.69 -8.75 -1.16
N SER A 127 8.32 -7.79 -2.01
CA SER A 127 9.06 -6.55 -2.14
C SER A 127 9.43 -5.82 -0.86
N PRO A 128 8.54 -5.80 0.17
CA PRO A 128 8.89 -5.11 1.41
C PRO A 128 10.04 -5.74 2.20
N LEU A 129 10.29 -7.04 2.00
CA LEU A 129 11.28 -7.78 2.78
C LEU A 129 12.71 -7.24 2.60
N ASN A 130 13.24 -6.68 3.67
CA ASN A 130 14.54 -6.00 3.68
C ASN A 130 14.65 -4.74 2.84
N TYR A 131 13.50 -4.21 2.37
CA TYR A 131 13.49 -2.92 1.71
C TYR A 131 13.81 -1.90 2.78
N TYR A 132 15.02 -1.35 2.68
CA TYR A 132 15.55 -0.43 3.71
C TYR A 132 15.46 -1.09 5.11
N ASN A 133 15.75 -2.40 5.15
CA ASN A 133 15.74 -3.20 6.38
C ASN A 133 14.35 -3.42 7.02
N PHE A 134 13.30 -3.11 6.28
CA PHE A 134 11.95 -3.49 6.75
C PHE A 134 11.98 -5.00 7.02
N PRO A 135 11.51 -5.44 8.20
CA PRO A 135 11.77 -6.82 8.66
C PRO A 135 10.77 -7.89 8.19
N LYS A 136 9.68 -7.48 7.53
CA LYS A 136 8.60 -8.42 7.18
C LYS A 136 8.27 -8.35 5.70
N SER A 137 7.32 -9.17 5.25
CA SER A 137 7.02 -9.37 3.85
C SER A 137 5.80 -8.58 3.37
N CYS A 138 5.11 -7.93 4.31
CA CYS A 138 3.96 -7.05 3.99
C CYS A 138 3.79 -6.10 5.18
N CYS A 139 2.96 -5.06 5.00
CA CYS A 139 2.69 -4.12 6.12
C CYS A 139 1.26 -4.32 6.61
N THR A 140 1.12 -4.41 7.93
CA THR A 140 -0.18 -4.63 8.58
C THR A 140 -0.44 -3.43 9.50
N SER A 141 -1.46 -2.64 9.16
CA SER A 141 -1.70 -1.35 9.79
C SER A 141 -3.05 -1.32 10.48
N VAL A 142 -2.99 -1.52 11.78
CA VAL A 142 -4.19 -1.62 12.60
C VAL A 142 -4.61 -0.25 13.13
N ASN A 143 -5.91 0.06 13.02
CA ASN A 143 -6.50 1.24 13.73
C ASN A 143 -5.72 2.55 13.50
N GLU A 144 -5.04 3.09 14.53
CA GLU A 144 -4.34 4.39 14.42
C GLU A 144 -3.05 4.33 13.59
N VAL A 145 -2.63 3.13 13.21
CA VAL A 145 -1.45 3.05 12.33
C VAL A 145 -1.87 3.49 10.91
N ILE A 146 -1.16 4.48 10.36
CA ILE A 146 -1.50 5.03 9.05
C ILE A 146 -1.00 4.09 7.95
N CYS A 147 0.23 3.64 8.13
CA CYS A 147 0.87 2.75 7.16
C CYS A 147 2.14 2.20 7.80
N HIS A 148 2.74 1.21 7.14
CA HIS A 148 4.02 0.62 7.54
C HIS A 148 4.08 -0.08 8.88
N GLY A 149 2.91 -0.52 9.34
CA GLY A 149 2.82 -1.35 10.55
C GLY A 149 3.59 -2.65 10.33
N ILE A 150 4.32 -3.06 11.34
CA ILE A 150 5.16 -4.26 11.18
C ILE A 150 4.39 -5.46 11.77
N PRO A 151 4.14 -6.50 10.95
CA PRO A 151 3.45 -7.69 11.49
C PRO A 151 4.15 -8.22 12.78
N ASP A 152 3.37 -8.48 13.84
CA ASP A 152 3.93 -8.89 15.16
C ASP A 152 2.97 -9.85 15.90
N ARG A 153 3.20 -10.07 17.20
CA ARG A 153 2.48 -11.11 17.90
C ARG A 153 1.08 -10.70 18.38
N ARG A 154 0.62 -9.50 18.01
CA ARG A 154 -0.70 -9.07 18.49
C ARG A 154 -1.85 -9.76 17.73
N PRO A 155 -2.75 -10.47 18.47
CA PRO A 155 -3.91 -11.06 17.81
C PRO A 155 -4.86 -9.94 17.44
N LEU A 156 -5.45 -10.01 16.25
CA LEU A 156 -6.48 -9.04 15.88
C LEU A 156 -7.66 -9.16 16.84
N GLN A 157 -8.24 -8.00 17.18
CA GLN A 157 -9.36 -7.91 18.11
C GLN A 157 -10.62 -7.52 17.36
N GLU A 158 -11.75 -8.12 17.76
CA GLU A 158 -13.08 -7.74 17.24
C GLU A 158 -13.26 -6.22 17.33
N GLY A 159 -13.73 -5.58 16.25
CA GLY A 159 -13.83 -4.12 16.21
C GLY A 159 -12.65 -3.42 15.50
N ASP A 160 -11.50 -4.07 15.46
CA ASP A 160 -10.33 -3.54 14.73
C ASP A 160 -10.63 -3.28 13.24
N ILE A 161 -9.94 -2.30 12.67
CA ILE A 161 -9.78 -2.25 11.24
C ILE A 161 -8.29 -2.46 10.96
N VAL A 162 -7.98 -3.10 9.83
CA VAL A 162 -6.60 -3.48 9.51
C VAL A 162 -6.39 -3.44 8.01
N ASN A 163 -5.35 -2.70 7.63
CA ASN A 163 -4.88 -2.62 6.24
C ASN A 163 -3.72 -3.60 6.04
N VAL A 164 -3.76 -4.35 4.94
CA VAL A 164 -2.61 -5.16 4.53
C VAL A 164 -2.15 -4.56 3.20
N ASP A 165 -0.87 -4.25 3.14
CA ASP A 165 -0.31 -3.64 1.94
C ASP A 165 0.73 -4.63 1.38
N ILE A 166 0.48 -5.04 0.15
CA ILE A 166 1.18 -6.14 -0.46
C ILE A 166 1.95 -5.56 -1.61
N THR A 167 3.20 -5.97 -1.78
CA THR A 167 3.88 -5.72 -3.02
C THR A 167 4.75 -6.94 -3.39
N LEU A 168 4.70 -7.32 -4.67
CA LEU A 168 5.44 -8.47 -5.20
C LEU A 168 6.42 -8.04 -6.25
N TYR A 169 7.47 -8.83 -6.40
CA TYR A 169 8.50 -8.60 -7.39
C TYR A 169 8.70 -9.87 -8.21
N ARG A 170 8.58 -9.72 -9.53
CA ARG A 170 8.66 -10.84 -10.46
C ARG A 170 9.32 -10.34 -11.75
N ASN A 171 10.44 -10.98 -12.13
CA ASN A 171 11.05 -10.74 -13.43
C ASN A 171 11.43 -9.27 -13.62
N GLY A 172 11.83 -8.60 -12.54
CA GLY A 172 12.25 -7.19 -12.66
C GLY A 172 11.16 -6.16 -12.41
N TYR A 173 9.92 -6.61 -12.14
CA TYR A 173 8.76 -5.70 -11.98
C TYR A 173 8.08 -5.84 -10.63
N HIS A 174 7.71 -4.70 -10.04
CA HIS A 174 6.95 -4.66 -8.77
C HIS A 174 5.46 -4.36 -9.00
N GLY A 175 4.58 -5.00 -8.22
CA GLY A 175 3.14 -4.70 -8.27
C GLY A 175 2.58 -4.58 -6.86
N ASP A 176 1.74 -3.58 -6.65
CA ASP A 176 1.53 -3.00 -5.31
C ASP A 176 0.02 -2.71 -5.15
N LEU A 177 -0.59 -3.29 -4.11
CA LEU A 177 -1.94 -2.90 -3.72
C LEU A 177 -2.19 -3.06 -2.22
N ASN A 178 -3.25 -2.42 -1.73
CA ASN A 178 -3.62 -2.61 -0.33
C ASN A 178 -5.11 -2.46 -0.14
N GLU A 179 -5.65 -3.10 0.89
CA GLU A 179 -7.05 -2.87 1.24
C GLU A 179 -7.16 -2.80 2.76
N THR A 180 -8.18 -2.10 3.24
CA THR A 180 -8.50 -2.10 4.67
C THR A 180 -9.64 -3.10 4.91
N PHE A 181 -9.58 -3.83 6.03
CA PHE A 181 -10.52 -4.92 6.35
C PHE A 181 -11.15 -4.68 7.69
N PHE A 182 -12.35 -5.23 7.87
CA PHE A 182 -13.00 -5.24 9.17
C PHE A 182 -12.62 -6.52 9.92
N VAL A 183 -12.39 -6.41 11.22
CA VAL A 183 -12.16 -7.60 12.04
C VAL A 183 -13.45 -7.83 12.83
N GLY A 184 -14.15 -8.90 12.50
CA GLY A 184 -15.50 -9.10 13.05
C GLY A 184 -16.40 -7.92 12.75
N GLU A 185 -17.27 -7.60 13.71
CA GLU A 185 -18.18 -6.45 13.61
C GLU A 185 -17.50 -5.17 14.06
N VAL A 186 -17.67 -4.11 13.30
CA VAL A 186 -17.03 -2.82 13.59
C VAL A 186 -18.10 -1.76 13.84
N ASP A 187 -17.72 -0.62 14.39
CA ASP A 187 -18.67 0.45 14.69
C ASP A 187 -18.93 1.36 13.48
N ASP A 188 -20.03 2.11 13.55
CA ASP A 188 -20.43 3.05 12.47
C ASP A 188 -19.28 3.90 11.95
N GLY A 189 -18.47 4.41 12.87
CA GLY A 189 -17.33 5.25 12.53
C GLY A 189 -16.33 4.51 11.64
N ALA A 190 -16.08 3.25 11.97
CA ALA A 190 -15.13 2.43 11.21
C ALA A 190 -15.68 2.21 9.82
N ARG A 191 -16.98 1.90 9.73
CA ARG A 191 -17.64 1.73 8.42
C ARG A 191 -17.56 2.97 7.55
N LYS A 192 -17.87 4.14 8.13
CA LYS A 192 -17.81 5.41 7.41
C LYS A 192 -16.39 5.75 6.93
N LEU A 193 -15.40 5.51 7.78
CA LEU A 193 -14.03 5.85 7.46
C LEU A 193 -13.54 4.98 6.28
N VAL A 194 -13.79 3.69 6.37
CA VAL A 194 -13.27 2.73 5.38
C VAL A 194 -13.99 2.95 4.02
N GLN A 195 -15.32 3.03 4.07
CA GLN A 195 -16.13 3.38 2.90
C GLN A 195 -15.65 4.65 2.22
N THR A 196 -15.45 5.71 3.01
CA THR A 196 -15.07 6.99 2.44
C THR A 196 -13.69 6.91 1.80
N THR A 197 -12.76 6.21 2.47
CA THR A 197 -11.40 6.05 1.96
C THR A 197 -11.43 5.37 0.58
N TYR A 198 -12.19 4.28 0.48
CA TYR A 198 -12.35 3.54 -0.77
C TYR A 198 -12.90 4.42 -1.90
N GLU A 199 -13.91 5.20 -1.57
CA GLU A 199 -14.49 6.21 -2.46
C GLU A 199 -13.47 7.23 -2.94
N CYS A 200 -12.66 7.77 -2.03
CA CYS A 200 -11.58 8.70 -2.45
C CYS A 200 -10.68 8.07 -3.48
N LEU A 201 -10.29 6.80 -3.25
CA LEU A 201 -9.42 6.15 -4.24
C LEU A 201 -10.11 6.01 -5.60
N MET A 202 -11.35 5.55 -5.58
CA MET A 202 -12.05 5.27 -6.82
C MET A 202 -12.39 6.59 -7.55
N GLN A 203 -12.65 7.66 -6.81
CA GLN A 203 -12.88 8.96 -7.45
C GLN A 203 -11.61 9.48 -8.13
N ALA A 204 -10.46 9.29 -7.50
CA ALA A 204 -9.18 9.65 -8.12
C ALA A 204 -8.87 8.80 -9.38
N ILE A 205 -9.06 7.49 -9.29
CA ILE A 205 -8.88 6.59 -10.45
C ILE A 205 -9.77 6.97 -11.65
N ASP A 206 -11.00 7.34 -11.37
CA ASP A 206 -11.92 7.78 -12.41
C ASP A 206 -11.43 8.98 -13.18
N ALA A 207 -10.57 9.77 -12.55
CA ALA A 207 -10.02 10.97 -13.18
C ALA A 207 -8.75 10.70 -13.99
N VAL A 208 -8.18 9.49 -13.87
CA VAL A 208 -6.93 9.20 -14.55
C VAL A 208 -7.11 9.00 -16.04
N LYS A 209 -6.34 9.75 -16.80
CA LYS A 209 -6.34 9.63 -18.25
C LYS A 209 -5.24 10.55 -18.76
N PRO A 210 -4.76 10.31 -20.00
CA PRO A 210 -3.69 11.18 -20.51
C PRO A 210 -4.08 12.65 -20.47
N GLY A 211 -3.13 13.51 -20.12
CA GLY A 211 -3.37 14.95 -20.10
C GLY A 211 -3.67 15.52 -18.73
N VAL A 212 -3.98 14.64 -17.77
CA VAL A 212 -4.31 15.09 -16.43
C VAL A 212 -3.02 15.26 -15.60
N ARG A 213 -2.97 16.34 -14.84
CA ARG A 213 -1.79 16.62 -14.02
C ARG A 213 -1.82 15.71 -12.79
N TYR A 214 -0.67 15.18 -12.39
CA TYR A 214 -0.66 14.34 -11.15
C TYR A 214 -1.18 15.09 -9.93
N ARG A 215 -0.90 16.39 -9.88
CA ARG A 215 -1.34 17.21 -8.75
C ARG A 215 -2.87 17.31 -8.57
N GLU A 216 -3.63 17.01 -9.63
CA GLU A 216 -5.10 17.10 -9.54
C GLU A 216 -5.75 16.04 -8.63
N LEU A 217 -5.15 14.86 -8.59
CA LEU A 217 -5.75 13.73 -7.85
C LEU A 217 -5.98 14.07 -6.38
N GLY A 218 -5.03 14.78 -5.77
CA GLY A 218 -5.16 15.24 -4.38
C GLY A 218 -6.32 16.18 -4.15
N ASN A 219 -6.61 17.04 -5.13
CA ASN A 219 -7.82 17.88 -5.05
C ASN A 219 -9.08 17.02 -4.91
N ILE A 220 -9.18 15.97 -5.73
CA ILE A 220 -10.37 15.11 -5.74
C ILE A 220 -10.52 14.36 -4.40
N ILE A 221 -9.40 13.80 -3.94
CA ILE A 221 -9.38 12.98 -2.74
C ILE A 221 -9.75 13.80 -1.52
N GLN A 222 -9.08 14.94 -1.34
CA GLN A 222 -9.36 15.78 -0.16
C GLN A 222 -10.81 16.32 -0.16
N LYS A 223 -11.29 16.72 -1.34
CA LYS A 223 -12.69 17.19 -1.49
C LYS A 223 -13.64 16.18 -0.87
N HIS A 224 -13.50 14.92 -1.26
CA HIS A 224 -14.37 13.87 -0.73
C HIS A 224 -14.12 13.57 0.76
N ALA A 225 -12.85 13.47 1.16
CA ALA A 225 -12.54 13.20 2.59
C ALA A 225 -13.12 14.28 3.52
N GLN A 226 -12.85 15.53 3.14
CA GLN A 226 -13.26 16.69 3.91
C GLN A 226 -14.78 16.78 4.04
N ALA A 227 -15.48 16.47 2.95
CA ALA A 227 -16.95 16.51 2.93
C ALA A 227 -17.54 15.51 3.93
N ASN A 228 -16.76 14.48 4.27
CA ASN A 228 -17.20 13.45 5.21
C ASN A 228 -16.58 13.56 6.61
N GLY A 229 -15.94 14.68 6.86
CA GLY A 229 -15.42 14.95 8.18
C GLY A 229 -14.05 14.33 8.45
N PHE A 230 -13.35 13.90 7.39
CA PHE A 230 -12.03 13.24 7.56
C PHE A 230 -10.87 14.08 7.05
N SER A 231 -9.66 13.78 7.54
CA SER A 231 -8.43 14.48 7.10
C SER A 231 -7.57 13.60 6.21
N VAL A 232 -6.61 14.20 5.49
CA VAL A 232 -5.78 13.45 4.54
C VAL A 232 -4.33 13.52 4.95
N VAL A 233 -3.73 12.35 5.17
CA VAL A 233 -2.33 12.25 5.50
C VAL A 233 -1.45 12.93 4.42
N ARG A 234 -0.45 13.69 4.87
CA ARG A 234 0.42 14.49 4.02
C ARG A 234 1.81 13.92 3.83
N SER A 235 2.27 13.09 4.77
CA SER A 235 3.66 12.68 4.77
C SER A 235 3.95 11.52 3.83
N TYR A 236 2.90 10.82 3.44
CA TYR A 236 3.01 9.63 2.58
C TYR A 236 2.20 9.83 1.30
N CYS A 237 2.75 9.39 0.17
CA CYS A 237 2.13 9.61 -1.15
C CYS A 237 2.11 8.35 -2.03
N GLY A 238 1.29 8.40 -3.09
CA GLY A 238 1.32 7.36 -4.13
C GLY A 238 2.60 7.60 -4.88
N HIS A 239 2.92 6.72 -5.83
CA HIS A 239 4.26 6.70 -6.42
C HIS A 239 4.28 5.93 -7.73
N GLY A 240 5.18 6.34 -8.61
CA GLY A 240 5.58 5.48 -9.72
C GLY A 240 6.07 4.12 -9.22
N ILE A 241 5.79 3.11 -10.02
CA ILE A 241 6.28 1.78 -9.74
C ILE A 241 6.40 1.03 -11.06
N HIS A 242 7.50 0.28 -11.20
CA HIS A 242 7.68 -0.65 -12.32
C HIS A 242 8.93 -1.48 -12.04
N LYS A 243 10.05 -1.09 -12.66
CA LYS A 243 11.31 -1.77 -12.39
C LYS A 243 11.84 -1.35 -11.00
N LEU A 244 11.31 -0.23 -10.50
CA LEU A 244 11.62 0.28 -9.16
C LEU A 244 10.36 0.13 -8.28
N PHE A 245 10.55 0.00 -6.98
CA PHE A 245 9.42 -0.14 -6.01
C PHE A 245 8.72 1.21 -5.85
N HIS A 246 9.51 2.26 -5.60
CA HIS A 246 8.99 3.62 -5.44
C HIS A 246 9.84 4.53 -6.32
N THR A 247 9.19 5.22 -7.24
CA THR A 247 9.88 6.14 -8.17
C THR A 247 8.94 7.25 -8.66
N ALA A 248 9.45 8.15 -9.52
CA ALA A 248 8.60 9.21 -10.10
C ALA A 248 7.38 8.63 -10.84
N PRO A 249 6.19 9.24 -10.67
CA PRO A 249 5.93 10.48 -9.97
C PRO A 249 5.57 10.27 -8.50
N ASN A 250 5.85 11.30 -7.71
CA ASN A 250 5.32 11.38 -6.36
C ASN A 250 3.91 11.83 -6.50
N VAL A 251 2.99 11.17 -5.79
CA VAL A 251 1.57 11.46 -5.96
C VAL A 251 0.86 11.80 -4.62
N PRO A 252 0.90 13.07 -4.21
CA PRO A 252 0.22 13.52 -2.97
C PRO A 252 -1.27 13.29 -3.03
N HIS A 253 -1.90 13.02 -1.88
CA HIS A 253 -3.36 12.76 -1.87
C HIS A 253 -4.18 13.94 -1.34
N TYR A 254 -3.50 15.02 -0.98
CA TYR A 254 -4.12 16.25 -0.43
C TYR A 254 -4.20 17.37 -1.48
N ALA A 255 -5.07 18.33 -1.21
CA ALA A 255 -5.36 19.44 -2.14
C ALA A 255 -4.23 20.45 -2.24
N LYS A 256 -4.13 21.06 -3.43
CA LYS A 256 -3.19 22.14 -3.69
C LYS A 256 -1.76 21.76 -3.38
N ASN A 257 -1.33 20.64 -3.98
CA ASN A 257 0.01 20.11 -3.81
C ASN A 257 0.88 20.46 -5.01
N LYS A 258 2.19 20.28 -4.88
CA LYS A 258 3.09 20.71 -5.96
C LYS A 258 3.60 19.57 -6.83
N ALA A 259 2.85 18.48 -6.92
CA ALA A 259 3.25 17.33 -7.73
C ALA A 259 3.62 17.76 -9.15
N VAL A 260 4.73 17.20 -9.62
CA VAL A 260 5.30 17.45 -10.95
C VAL A 260 4.90 16.33 -11.90
N GLY A 261 4.27 16.72 -13.00
CA GLY A 261 3.99 15.77 -14.06
C GLY A 261 2.60 15.79 -14.60
N VAL A 262 2.47 15.25 -15.81
CA VAL A 262 1.21 15.11 -16.50
C VAL A 262 1.06 13.66 -16.98
N MET A 263 -0.11 13.06 -16.76
CA MET A 263 -0.32 11.65 -17.18
C MET A 263 -0.22 11.49 -18.69
N LYS A 264 0.49 10.43 -19.09
CA LYS A 264 0.63 10.03 -20.47
C LYS A 264 0.37 8.54 -20.58
N SER A 265 -0.21 8.13 -21.71
CA SER A 265 -0.33 6.71 -22.04
C SER A 265 1.02 5.98 -21.84
N GLY A 266 1.02 4.92 -21.03
CA GLY A 266 2.24 4.19 -20.72
C GLY A 266 2.86 4.49 -19.34
N HIS A 267 2.30 5.47 -18.63
CA HIS A 267 2.72 5.75 -17.25
C HIS A 267 2.11 4.69 -16.33
N VAL A 268 2.89 4.24 -15.34
CA VAL A 268 2.38 3.37 -14.27
C VAL A 268 2.71 3.95 -12.89
N PHE A 269 1.69 4.06 -12.04
CA PHE A 269 1.87 4.67 -10.74
C PHE A 269 0.76 4.17 -9.82
N THR A 270 0.88 4.49 -8.53
CA THR A 270 -0.17 4.11 -7.58
C THR A 270 -0.95 5.30 -7.06
N ILE A 271 -2.16 5.02 -6.60
CA ILE A 271 -2.90 5.98 -5.82
C ILE A 271 -3.21 5.22 -4.56
N GLU A 272 -2.93 5.81 -3.40
CA GLU A 272 -3.06 5.07 -2.13
C GLU A 272 -3.47 5.93 -0.91
N PRO A 273 -4.63 6.62 -1.00
CA PRO A 273 -4.94 7.62 0.03
C PRO A 273 -5.05 7.04 1.42
N MET A 274 -4.37 7.68 2.37
CA MET A 274 -4.52 7.44 3.78
C MET A 274 -5.32 8.60 4.37
N ILE A 275 -6.43 8.25 5.01
CA ILE A 275 -7.49 9.16 5.47
C ILE A 275 -7.69 8.95 6.97
N CYS A 276 -7.97 9.99 7.74
CA CYS A 276 -8.07 9.84 9.21
C CYS A 276 -9.36 10.40 9.82
N GLU A 277 -9.81 9.73 10.88
CA GLU A 277 -10.96 10.16 11.69
C GLU A 277 -10.76 11.53 12.34
N GLY A 278 -9.55 11.79 12.85
CA GLY A 278 -9.18 13.09 13.45
C GLY A 278 -8.27 13.90 12.53
N GLY A 279 -7.17 14.40 13.08
CA GLY A 279 -6.21 15.25 12.34
C GLY A 279 -5.33 14.42 11.42
N TRP A 280 -4.59 15.10 10.53
CA TRP A 280 -3.77 14.45 9.50
C TRP A 280 -2.34 14.18 9.93
N GLN A 281 -1.95 14.77 11.07
CA GLN A 281 -0.56 14.67 11.53
C GLN A 281 -0.16 13.24 11.88
N ASP A 282 1.02 12.87 11.42
CA ASP A 282 1.57 11.56 11.70
C ASP A 282 2.88 11.68 12.49
N GLU A 283 3.24 10.59 13.17
CA GLU A 283 4.59 10.43 13.71
C GLU A 283 4.94 8.95 13.63
N THR A 284 6.21 8.64 13.82
CA THR A 284 6.72 7.29 13.65
C THR A 284 7.13 6.72 15.00
N TRP A 285 6.77 5.46 15.22
CA TRP A 285 7.24 4.72 16.40
C TRP A 285 8.76 4.55 16.42
N PRO A 286 9.32 4.24 17.62
CA PRO A 286 10.76 3.97 17.76
C PRO A 286 11.29 2.87 16.80
N ASP A 287 10.42 2.00 16.29
CA ASP A 287 10.86 0.99 15.33
C ASP A 287 11.31 1.57 13.98
N GLY A 288 11.06 2.87 13.75
CA GLY A 288 11.53 3.56 12.55
C GLY A 288 10.60 3.41 11.35
N TRP A 289 9.53 2.64 11.51
CA TRP A 289 8.59 2.31 10.42
C TRP A 289 7.13 2.70 10.70
N THR A 290 6.63 2.26 11.84
CA THR A 290 5.20 2.36 12.10
C THR A 290 4.75 3.81 12.18
N ALA A 291 3.89 4.22 11.26
CA ALA A 291 3.45 5.62 11.17
C ALA A 291 2.06 5.63 11.78
N VAL A 292 1.87 6.50 12.77
CA VAL A 292 0.60 6.53 13.55
C VAL A 292 0.05 7.97 13.53
N THR A 293 -1.27 8.11 13.67
CA THR A 293 -1.88 9.44 13.82
C THR A 293 -1.32 9.98 15.16
N ARG A 294 -0.97 11.24 15.18
CA ARG A 294 -0.49 11.88 16.44
C ARG A 294 -1.59 11.93 17.51
N ASP A 295 -2.84 11.92 17.08
CA ASP A 295 -3.99 11.99 18.00
C ASP A 295 -4.55 10.63 18.39
N GLY A 296 -4.01 9.57 17.79
CA GLY A 296 -4.39 8.21 18.14
C GLY A 296 -5.75 7.77 17.63
N LYS A 297 -6.36 8.59 16.76
CA LYS A 297 -7.60 8.21 16.08
C LYS A 297 -7.32 7.30 14.87
N ARG A 298 -8.37 6.74 14.28
CA ARG A 298 -8.16 5.71 13.26
C ARG A 298 -7.85 6.27 11.89
N SER A 299 -7.09 5.49 11.13
CA SER A 299 -6.75 5.84 9.76
C SER A 299 -7.08 4.63 8.87
N ALA A 300 -7.46 4.89 7.62
CA ALA A 300 -7.68 3.79 6.67
C ALA A 300 -7.05 4.12 5.31
N GLN A 301 -6.71 3.07 4.55
CA GLN A 301 -6.05 3.26 3.26
C GLN A 301 -6.55 2.22 2.25
N PHE A 302 -6.60 2.61 0.96
CA PHE A 302 -6.78 1.63 -0.11
C PHE A 302 -5.76 2.01 -1.20
N GLU A 303 -5.35 1.05 -2.03
CA GLU A 303 -4.33 1.29 -3.05
C GLU A 303 -4.51 0.38 -4.26
N HIS A 304 -4.34 0.98 -5.45
CA HIS A 304 -4.20 0.22 -6.70
C HIS A 304 -2.97 0.70 -7.43
N THR A 305 -2.39 -0.19 -8.26
CA THR A 305 -1.35 0.19 -9.24
C THR A 305 -2.11 0.40 -10.57
N LEU A 306 -1.84 1.52 -11.25
CA LEU A 306 -2.61 1.95 -12.43
C LEU A 306 -1.70 2.10 -13.64
N LEU A 307 -2.22 1.72 -14.80
CA LEU A 307 -1.55 1.98 -16.06
C LEU A 307 -2.43 2.93 -16.86
N VAL A 308 -1.84 4.05 -17.29
CA VAL A 308 -2.57 5.06 -18.06
C VAL A 308 -2.60 4.57 -19.52
N THR A 309 -3.80 4.52 -20.09
CA THR A 309 -3.99 3.98 -21.45
C THR A 309 -4.36 5.15 -22.39
N ASP A 310 -5.37 4.96 -23.26
CA ASP A 310 -5.95 6.07 -24.07
C ASP A 310 -7.37 6.46 -23.69
N THR A 311 -8.17 5.48 -23.26
CA THR A 311 -9.51 5.80 -22.77
C THR A 311 -9.53 6.22 -21.28
N GLY A 312 -8.36 6.17 -20.63
CA GLY A 312 -8.30 6.42 -19.20
C GLY A 312 -7.18 5.63 -18.56
N CYS A 313 -7.53 4.56 -17.86
CA CYS A 313 -6.49 3.69 -17.26
C CYS A 313 -6.93 2.26 -16.96
N GLU A 314 -5.95 1.39 -16.78
CA GLU A 314 -6.20 -0.01 -16.52
C GLU A 314 -5.83 -0.19 -15.05
N ILE A 315 -6.72 -0.79 -14.29
CA ILE A 315 -6.46 -1.00 -12.87
C ILE A 315 -5.79 -2.36 -12.78
N LEU A 316 -4.47 -2.36 -12.64
CA LEU A 316 -3.73 -3.61 -12.81
C LEU A 316 -3.92 -4.57 -11.66
N THR A 317 -4.20 -4.01 -10.48
CA THR A 317 -4.35 -4.80 -9.25
C THR A 317 -5.81 -5.04 -8.94
N ARG A 318 -6.69 -4.81 -9.93
CA ARG A 318 -8.12 -5.03 -9.71
C ARG A 318 -8.45 -6.48 -9.39
N ARG A 319 -9.56 -6.68 -8.71
CA ARG A 319 -10.14 -8.02 -8.61
C ARG A 319 -10.67 -8.44 -9.97
N LEU A 320 -10.54 -9.71 -10.32
CA LEU A 320 -10.98 -10.15 -11.64
C LEU A 320 -12.32 -10.90 -11.59
N ASP A 321 -12.72 -11.28 -10.38
CA ASP A 321 -13.73 -12.30 -10.17
C ASP A 321 -14.73 -11.85 -9.14
N SER A 322 -14.69 -10.57 -8.78
CA SER A 322 -15.68 -9.99 -7.88
C SER A 322 -15.69 -8.49 -8.03
N ALA A 323 -16.88 -7.92 -7.94
CA ALA A 323 -17.12 -6.51 -8.25
C ALA A 323 -16.49 -5.54 -7.24
N ARG A 324 -16.37 -5.98 -6.00
CA ARG A 324 -16.14 -5.06 -4.89
C ARG A 324 -14.95 -5.45 -4.03
N PRO A 325 -14.42 -4.49 -3.23
CA PRO A 325 -13.39 -4.79 -2.24
C PRO A 325 -13.92 -5.72 -1.16
N HIS A 326 -12.99 -6.37 -0.45
CA HIS A 326 -13.38 -7.35 0.56
C HIS A 326 -14.30 -6.81 1.65
N PHE A 327 -14.11 -5.56 2.09
CA PHE A 327 -14.92 -5.07 3.22
C PHE A 327 -16.41 -4.96 2.88
N MET A 328 -16.76 -4.88 1.60
N MET A 328 -16.65 -4.93 1.56
CA MET A 328 -18.17 -4.79 1.25
CA MET A 328 -17.92 -4.71 0.90
C MET A 328 -18.77 -6.18 1.14
C MET A 328 -18.41 -6.02 0.27
N SER A 329 -17.91 -7.13 0.79
CA SER A 329 -18.30 -8.47 0.34
C SER A 329 -18.53 -9.31 1.58
CO CO B . 2.34 1.89 -3.00
CO CO C . 1.59 -0.45 -1.16
CO CO D . 5.10 1.72 1.74
CL PVP E . 8.10 6.33 -0.53
C8 PVP E . 8.08 4.77 0.31
C9 PVP E . 6.85 4.20 0.58
C16 PVP E . 5.53 4.80 0.15
N3 PVP E . 6.81 3.01 1.16
C6 PVP E . 7.97 2.44 1.58
C5 PVP E . 7.92 1.14 2.26
N23 PVP E . 6.77 0.43 2.17
C1 PVP E . 6.72 -0.78 2.74
C2 PVP E . 7.79 -1.29 3.46
C3 PVP E . 8.97 -0.56 3.57
C4 PVP E . 9.04 0.66 2.93
N2 PVP E . 9.16 2.97 1.34
C7 PVP E . 9.27 4.14 0.71
N4 PVP E . 10.58 4.56 0.50
C13 PVP E . 11.59 4.15 1.48
C12 PVP E . 12.96 4.79 1.27
N5 PVP E . 12.99 5.87 0.28
C11 PVP E . 11.78 6.42 -0.34
C10 PVP E . 10.95 5.22 -0.76
C14 PVP E . 14.27 6.44 -0.13
C15 PVP E . 14.75 7.32 1.02
O1 PVP E . 15.58 6.59 1.93
K K F . -5.06 1.65 9.98
C1 GOL G . -0.57 -4.86 14.70
O1 GOL G . -0.24 -6.19 15.03
C2 GOL G . 0.70 -4.21 14.14
O2 GOL G . 1.15 -4.96 13.03
C3 GOL G . 0.50 -2.69 13.91
O3 GOL G . -0.49 -2.38 12.89
#